data_5IQQ
#
_entry.id   5IQQ
#
_cell.length_a   115.707
_cell.length_b   83.210
_cell.length_c   60.826
_cell.angle_alpha   90.00
_cell.angle_beta   119.63
_cell.angle_gamma   90.00
#
_symmetry.space_group_name_H-M   'C 1 2 1'
#
loop_
_entity.id
_entity.type
_entity.pdbx_description
1 polymer 'RNA-binding protein 7'
2 water water
#
_entity_poly.entity_id   1
_entity_poly.type   'polypeptide(L)'
_entity_poly.pdbx_seq_one_letter_code
;MGAAAAEADRTLFVGNLETKVTEELLFELFHQAGPVIKVKIPKDKDGKPKQFAFVNFKHEVSVPYAMNLLNGIKLYGRPI
KIQFRSGSSHA
;
_entity_poly.pdbx_strand_id   A,B,C,D,E
#
# COMPACT_ATOMS: atom_id res chain seq x y z
N ALA A 4 6.57 35.99 -16.07
CA ALA A 4 6.09 35.13 -17.14
C ALA A 4 7.04 33.96 -17.35
N ALA A 5 8.33 34.19 -17.09
CA ALA A 5 9.32 33.13 -17.19
C ALA A 5 9.48 32.37 -15.88
N ALA A 6 8.38 32.17 -15.17
CA ALA A 6 8.34 31.33 -13.99
C ALA A 6 6.94 30.75 -13.81
N GLU A 7 6.48 29.77 -14.61
CA GLU A 7 7.16 29.09 -15.73
C GLU A 7 8.64 28.77 -15.51
N ALA A 8 8.85 27.66 -14.80
CA ALA A 8 10.15 27.22 -14.28
C ALA A 8 9.90 26.82 -12.84
N ASP A 9 9.18 27.68 -12.12
CA ASP A 9 8.62 27.32 -10.82
C ASP A 9 7.54 26.26 -10.93
N ARG A 10 7.12 25.91 -12.15
CA ARG A 10 6.05 24.94 -12.38
C ARG A 10 6.51 23.85 -13.34
N THR A 11 7.81 23.71 -13.55
CA THR A 11 8.34 22.80 -14.56
C THR A 11 9.15 21.71 -13.88
N LEU A 12 9.00 20.48 -14.35
CA LEU A 12 9.76 19.35 -13.87
C LEU A 12 10.66 18.81 -14.98
N PHE A 13 11.86 18.43 -14.60
CA PHE A 13 12.74 17.68 -15.48
C PHE A 13 12.47 16.20 -15.26
N VAL A 14 12.14 15.49 -16.33
CA VAL A 14 11.91 14.05 -16.29
C VAL A 14 13.00 13.40 -17.13
N GLY A 15 13.91 12.70 -16.47
CA GLY A 15 15.01 12.01 -17.13
C GLY A 15 14.81 10.51 -17.19
N ASN A 16 15.78 9.86 -17.83
CA ASN A 16 15.77 8.41 -17.97
C ASN A 16 14.49 7.93 -18.64
N LEU A 17 14.11 8.60 -19.72
CA LEU A 17 12.92 8.25 -20.47
C LEU A 17 13.23 7.15 -21.48
N GLU A 18 12.46 6.08 -21.44
CA GLU A 18 12.52 5.08 -22.51
C GLU A 18 12.22 5.76 -23.84
N THR A 19 12.92 5.33 -24.88
CA THR A 19 12.76 5.95 -26.19
C THR A 19 11.32 5.90 -26.68
N LYS A 20 10.50 4.98 -26.17
CA LYS A 20 9.15 4.83 -26.65
C LYS A 20 8.15 5.73 -25.93
N VAL A 21 8.57 6.43 -24.88
CA VAL A 21 7.66 7.33 -24.19
C VAL A 21 7.38 8.54 -25.07
N THR A 22 6.11 8.84 -25.27
CA THR A 22 5.68 9.97 -26.07
C THR A 22 5.28 11.13 -25.18
N GLU A 23 5.28 12.33 -25.76
CA GLU A 23 4.76 13.49 -25.04
C GLU A 23 3.33 13.27 -24.60
N GLU A 24 2.55 12.55 -25.41
CA GLU A 24 1.17 12.26 -25.04
C GLU A 24 1.09 11.39 -23.80
N LEU A 25 2.00 10.43 -23.65
CA LEU A 25 1.97 9.55 -22.48
C LEU A 25 2.27 10.34 -21.21
N LEU A 26 3.36 11.09 -21.20
CA LEU A 26 3.74 11.87 -20.03
C LEU A 26 2.60 12.80 -19.61
N PHE A 27 1.99 13.47 -20.57
CA PHE A 27 0.86 14.35 -20.27
C PHE A 27 -0.19 13.61 -19.45
N GLU A 28 -0.71 12.50 -19.99
CA GLU A 28 -1.73 11.75 -19.27
C GLU A 28 -1.21 11.28 -17.92
N LEU A 29 0.06 10.88 -17.85
CA LEU A 29 0.63 10.43 -16.59
C LEU A 29 0.69 11.55 -15.58
N PHE A 30 1.32 12.67 -15.95
CA PHE A 30 1.50 13.78 -15.02
C PHE A 30 0.22 14.57 -14.80
N HIS A 31 -0.78 14.41 -15.67
CA HIS A 31 -2.06 15.07 -15.44
C HIS A 31 -2.72 14.61 -14.14
N GLN A 32 -2.31 13.45 -13.62
CA GLN A 32 -2.86 12.96 -12.36
C GLN A 32 -2.43 13.83 -11.18
N ALA A 33 -1.37 14.62 -11.35
CA ALA A 33 -0.91 15.54 -10.31
C ALA A 33 -1.50 16.94 -10.48
N GLY A 34 -2.37 17.14 -11.46
CA GLY A 34 -2.99 18.43 -11.69
C GLY A 34 -2.94 18.81 -13.16
N PRO A 35 -3.64 19.88 -13.52
CA PRO A 35 -3.66 20.31 -14.92
C PRO A 35 -2.25 20.51 -15.45
N VAL A 36 -2.04 20.14 -16.71
CA VAL A 36 -0.76 20.26 -17.38
C VAL A 36 -0.92 21.26 -18.52
N ILE A 37 0.00 22.23 -18.58
CA ILE A 37 -0.04 23.21 -19.66
C ILE A 37 0.56 22.63 -20.93
N LYS A 38 1.78 22.11 -20.84
CA LYS A 38 2.44 21.51 -21.99
C LYS A 38 3.49 20.53 -21.51
N VAL A 39 3.79 19.56 -22.37
CA VAL A 39 4.88 18.62 -22.16
C VAL A 39 5.75 18.67 -23.41
N LYS A 40 7.07 18.61 -23.21
CA LYS A 40 7.99 18.65 -24.33
C LYS A 40 9.11 17.65 -24.13
N ILE A 41 9.28 16.78 -25.11
CA ILE A 41 10.45 15.91 -25.22
C ILE A 41 11.38 16.52 -26.26
N PRO A 42 12.49 17.14 -25.88
CA PRO A 42 13.34 17.80 -26.87
C PRO A 42 13.77 16.84 -27.97
N LYS A 43 14.08 17.42 -29.12
CA LYS A 43 14.34 16.68 -30.33
C LYS A 43 15.82 16.73 -30.69
N ASP A 44 16.29 15.65 -31.31
CA ASP A 44 17.65 15.59 -31.81
C ASP A 44 17.78 16.49 -33.04
N LYS A 45 18.98 16.51 -33.63
CA LYS A 45 19.11 17.00 -34.99
C LYS A 45 18.74 15.92 -35.99
N ASP A 46 18.62 14.68 -35.55
CA ASP A 46 18.04 13.60 -36.33
C ASP A 46 16.64 13.24 -35.86
N GLY A 47 16.00 14.11 -35.06
CA GLY A 47 14.65 13.90 -34.60
C GLY A 47 14.49 12.93 -33.45
N LYS A 48 15.54 12.21 -33.07
CA LYS A 48 15.42 11.22 -32.00
C LYS A 48 15.11 11.90 -30.67
N PRO A 49 14.65 11.13 -29.68
CA PRO A 49 14.59 11.65 -28.31
C PRO A 49 15.95 11.63 -27.64
N LYS A 50 16.13 12.57 -26.70
CA LYS A 50 17.33 12.59 -25.88
C LYS A 50 17.10 11.95 -24.51
N GLN A 51 15.98 11.25 -24.34
CA GLN A 51 15.68 10.49 -23.13
C GLN A 51 15.35 11.40 -21.94
N PHE A 52 14.82 12.59 -22.19
CA PHE A 52 14.34 13.43 -21.10
C PHE A 52 13.23 14.34 -21.62
N ALA A 53 12.49 14.94 -20.69
CA ALA A 53 11.35 15.79 -21.04
C ALA A 53 11.23 16.92 -20.03
N PHE A 54 10.39 17.89 -20.37
CA PHE A 54 10.01 18.98 -19.46
C PHE A 54 8.50 19.01 -19.36
N VAL A 55 7.98 18.91 -18.14
CA VAL A 55 6.55 18.94 -17.88
C VAL A 55 6.23 20.26 -17.19
N ASN A 56 5.34 21.03 -17.79
CA ASN A 56 4.95 22.34 -17.26
C ASN A 56 3.53 22.26 -16.73
N PHE A 57 3.39 22.35 -15.40
CA PHE A 57 2.07 22.37 -14.77
C PHE A 57 1.50 23.78 -14.75
N LYS A 58 0.20 23.87 -14.47
CA LYS A 58 -0.44 25.17 -14.31
C LYS A 58 -0.21 25.72 -12.91
N HIS A 59 -0.38 24.88 -11.89
CA HIS A 59 -0.19 25.26 -10.50
C HIS A 59 1.13 24.69 -10.00
N GLU A 60 1.83 25.47 -9.17
CA GLU A 60 3.12 25.03 -8.67
C GLU A 60 3.00 23.99 -7.56
N VAL A 61 1.81 23.85 -6.95
CA VAL A 61 1.61 22.78 -5.98
C VAL A 61 1.76 21.43 -6.64
N SER A 62 1.38 21.31 -7.91
CA SER A 62 1.53 20.06 -8.63
C SER A 62 2.97 19.58 -8.64
N VAL A 63 3.93 20.50 -8.55
CA VAL A 63 5.34 20.16 -8.68
C VAL A 63 5.74 19.21 -7.56
N PRO A 64 5.72 19.61 -6.29
CA PRO A 64 6.05 18.65 -5.22
C PRO A 64 5.14 17.45 -5.19
N TYR A 65 3.90 17.59 -5.70
CA TYR A 65 2.98 16.46 -5.74
C TYR A 65 3.41 15.43 -6.78
N ALA A 66 3.64 15.88 -8.01
CA ALA A 66 4.04 14.96 -9.08
C ALA A 66 5.32 14.22 -8.71
N MET A 67 6.26 14.91 -8.07
CA MET A 67 7.50 14.26 -7.67
C MET A 67 7.23 13.07 -6.77
N ASN A 68 6.54 13.30 -5.65
CA ASN A 68 6.23 12.22 -4.72
C ASN A 68 5.47 11.09 -5.39
N LEU A 69 4.64 11.41 -6.37
CA LEU A 69 3.67 10.47 -6.92
C LEU A 69 4.21 9.67 -8.10
N LEU A 70 5.23 10.17 -8.80
CA LEU A 70 5.67 9.56 -10.05
C LEU A 70 7.16 9.28 -10.11
N ASN A 71 7.99 9.87 -9.26
CA ASN A 71 9.43 9.68 -9.35
C ASN A 71 9.78 8.21 -9.16
N GLY A 72 10.52 7.66 -10.12
CA GLY A 72 10.91 6.27 -10.09
C GLY A 72 9.97 5.33 -10.80
N ILE A 73 8.77 5.79 -11.17
CA ILE A 73 7.82 4.93 -11.86
C ILE A 73 8.42 4.43 -13.16
N LYS A 74 8.25 3.15 -13.45
CA LYS A 74 8.84 2.54 -14.62
C LYS A 74 7.94 2.70 -15.84
N LEU A 75 8.51 3.25 -16.92
CA LEU A 75 7.81 3.36 -18.20
C LEU A 75 8.52 2.47 -19.20
N TYR A 76 7.85 1.40 -19.61
CA TYR A 76 8.46 0.37 -20.46
C TYR A 76 9.71 -0.20 -19.80
N GLY A 77 9.66 -0.37 -18.48
CA GLY A 77 10.73 -0.98 -17.73
C GLY A 77 11.79 -0.04 -17.21
N ARG A 78 11.79 1.22 -17.65
CA ARG A 78 12.82 2.17 -17.25
C ARG A 78 12.28 3.14 -16.23
N PRO A 79 12.87 3.27 -15.04
CA PRO A 79 12.33 4.20 -14.04
C PRO A 79 12.71 5.64 -14.35
N ILE A 80 11.70 6.52 -14.42
CA ILE A 80 11.96 7.93 -14.68
C ILE A 80 12.63 8.57 -13.46
N LYS A 81 13.34 9.67 -13.71
CA LYS A 81 13.98 10.46 -12.66
C LYS A 81 13.48 11.89 -12.78
N ILE A 82 12.73 12.34 -11.77
CA ILE A 82 12.13 13.67 -11.76
C ILE A 82 13.02 14.60 -10.96
N GLN A 83 13.35 15.76 -11.54
CA GLN A 83 14.11 16.80 -10.87
C GLN A 83 13.44 18.14 -11.12
N PHE A 84 13.34 18.97 -10.07
CA PHE A 84 12.62 20.22 -10.20
C PHE A 84 13.41 21.22 -11.06
N ARG A 85 14.69 21.39 -10.78
CA ARG A 85 15.58 22.18 -11.62
C ARG A 85 16.70 21.27 -12.12
N SER A 86 16.70 21.01 -13.42
CA SER A 86 17.79 20.28 -14.06
C SER A 86 17.72 20.43 -15.58
N ALA B 8 -0.07 25.69 22.65
CA ALA B 8 1.30 25.24 22.46
C ALA B 8 1.47 23.78 22.85
N ASP B 9 0.35 23.11 23.08
CA ASP B 9 0.35 21.67 23.35
C ASP B 9 0.02 20.85 22.11
N ARG B 10 -0.44 21.49 21.03
CA ARG B 10 -0.85 20.84 19.80
C ARG B 10 0.02 21.27 18.64
N THR B 11 1.32 21.43 18.90
CA THR B 11 2.26 21.96 17.92
C THR B 11 3.30 20.91 17.59
N LEU B 12 3.63 20.80 16.30
CA LEU B 12 4.67 19.91 15.83
C LEU B 12 5.83 20.70 15.27
N PHE B 13 7.02 20.10 15.34
CA PHE B 13 8.22 20.64 14.73
C PHE B 13 8.54 19.82 13.49
N VAL B 14 8.57 20.48 12.33
CA VAL B 14 8.81 19.82 11.05
C VAL B 14 10.15 20.31 10.55
N GLY B 15 11.18 19.47 10.65
CA GLY B 15 12.53 19.84 10.27
C GLY B 15 12.93 19.25 8.92
N ASN B 16 14.20 19.48 8.58
CA ASN B 16 14.76 19.00 7.32
C ASN B 16 13.92 19.45 6.14
N LEU B 17 13.54 20.72 6.14
CA LEU B 17 12.70 21.28 5.10
C LEU B 17 13.54 21.75 3.92
N GLU B 18 13.12 21.36 2.72
CA GLU B 18 13.77 21.86 1.51
C GLU B 18 13.47 23.34 1.34
N THR B 19 14.39 24.05 0.70
CA THR B 19 14.30 25.51 0.62
C THR B 19 12.98 25.97 0.00
N LYS B 20 12.38 25.15 -0.85
CA LYS B 20 11.19 25.57 -1.59
C LYS B 20 9.90 25.29 -0.84
N VAL B 21 9.95 24.62 0.30
CA VAL B 21 8.75 24.39 1.10
C VAL B 21 8.29 25.72 1.70
N THR B 22 7.04 26.07 1.47
CA THR B 22 6.44 27.28 2.02
C THR B 22 5.45 26.93 3.12
N GLU B 23 5.05 27.96 3.86
CA GLU B 23 4.03 27.78 4.89
C GLU B 23 2.72 27.31 4.28
N GLU B 24 2.37 27.84 3.11
CA GLU B 24 1.13 27.45 2.44
C GLU B 24 1.13 25.97 2.07
N LEU B 25 2.30 25.42 1.72
CA LEU B 25 2.37 24.02 1.36
C LEU B 25 2.17 23.12 2.58
N LEU B 26 2.85 23.45 3.68
CA LEU B 26 2.75 22.63 4.89
C LEU B 26 1.33 22.67 5.46
N PHE B 27 0.69 23.84 5.43
CA PHE B 27 -0.69 23.94 5.91
C PHE B 27 -1.58 22.96 5.17
N GLU B 28 -1.53 22.97 3.84
CA GLU B 28 -2.34 22.05 3.06
C GLU B 28 -1.97 20.60 3.34
N LEU B 29 -0.70 20.34 3.64
CA LEU B 29 -0.26 18.96 3.87
C LEU B 29 -0.74 18.46 5.22
N PHE B 30 -0.52 19.25 6.29
CA PHE B 30 -0.91 18.82 7.63
C PHE B 30 -2.41 19.00 7.87
N HIS B 31 -3.10 19.78 7.05
CA HIS B 31 -4.55 19.88 7.17
C HIS B 31 -5.21 18.50 6.99
N GLN B 32 -4.57 17.60 6.27
CA GLN B 32 -5.08 16.24 6.14
C GLN B 32 -5.21 15.55 7.50
N ALA B 33 -4.47 16.00 8.50
CA ALA B 33 -4.52 15.42 9.83
C ALA B 33 -5.50 16.13 10.75
N GLY B 34 -6.17 17.17 10.27
CA GLY B 34 -7.12 17.90 11.07
C GLY B 34 -7.04 19.40 10.86
N PRO B 35 -8.00 20.14 11.40
CA PRO B 35 -7.95 21.61 11.28
C PRO B 35 -6.65 22.16 11.83
N VAL B 36 -6.01 23.02 11.02
CA VAL B 36 -4.73 23.63 11.37
C VAL B 36 -4.97 25.09 11.71
N ILE B 37 -4.50 25.51 12.88
CA ILE B 37 -4.65 26.90 13.29
C ILE B 37 -3.68 27.79 12.52
N LYS B 38 -2.44 27.33 12.35
CA LYS B 38 -1.45 28.16 11.68
C LYS B 38 -0.16 27.38 11.50
N VAL B 39 0.64 27.81 10.53
CA VAL B 39 1.98 27.26 10.27
C VAL B 39 2.95 28.43 10.24
N LYS B 40 4.17 28.20 10.73
CA LYS B 40 5.17 29.26 10.81
C LYS B 40 6.55 28.68 10.49
N ILE B 41 7.14 29.14 9.40
CA ILE B 41 8.55 28.90 9.10
C ILE B 41 9.33 30.10 9.62
N PRO B 42 10.06 29.99 10.73
CA PRO B 42 10.79 31.15 11.24
C PRO B 42 11.79 31.67 10.22
N LYS B 43 11.87 32.99 10.11
CA LYS B 43 12.78 33.64 9.19
C LYS B 43 14.07 34.01 9.90
N ASP B 44 15.16 34.02 9.13
CA ASP B 44 16.45 34.46 9.62
C ASP B 44 16.30 35.75 10.42
N LYS B 45 17.30 36.04 11.23
CA LYS B 45 17.37 37.32 11.91
C LYS B 45 17.42 38.45 10.90
N ASP B 46 17.80 38.13 9.65
CA ASP B 46 17.84 39.08 8.56
C ASP B 46 16.84 38.73 7.45
N GLY B 47 15.82 37.92 7.72
CA GLY B 47 14.65 37.80 6.88
C GLY B 47 14.45 36.45 6.21
N LYS B 48 15.53 35.72 5.93
CA LYS B 48 15.39 34.51 5.13
C LYS B 48 14.91 33.32 5.96
N PRO B 49 14.06 32.45 5.39
CA PRO B 49 13.54 31.32 6.16
C PRO B 49 14.64 30.44 6.72
N LYS B 50 14.39 29.92 7.91
CA LYS B 50 15.12 28.78 8.42
C LYS B 50 14.53 27.52 7.80
N GLN B 51 15.11 26.36 8.10
CA GLN B 51 14.72 25.12 7.44
C GLN B 51 13.80 24.26 8.28
N PHE B 52 12.89 24.87 9.02
CA PHE B 52 11.91 24.14 9.79
C PHE B 52 10.66 24.99 9.93
N ALA B 53 9.56 24.36 10.32
CA ALA B 53 8.30 25.03 10.56
C ALA B 53 7.68 24.50 11.82
N PHE B 54 6.86 25.34 12.46
CA PHE B 54 6.02 24.92 13.56
C PHE B 54 4.58 24.87 13.06
N VAL B 55 3.94 23.72 13.25
CA VAL B 55 2.58 23.47 12.78
C VAL B 55 1.70 23.33 14.01
N ASN B 56 0.73 24.23 14.15
CA ASN B 56 -0.14 24.29 15.32
C ASN B 56 -1.52 23.78 14.91
N PHE B 57 -1.90 22.63 15.46
CA PHE B 57 -3.21 22.04 15.20
C PHE B 57 -4.24 22.58 16.17
N LYS B 58 -5.51 22.46 15.78
CA LYS B 58 -6.60 22.82 16.69
C LYS B 58 -6.79 21.76 17.76
N HIS B 59 -6.65 20.48 17.40
CA HIS B 59 -6.89 19.37 18.30
C HIS B 59 -5.60 18.62 18.60
N GLU B 60 -5.49 18.11 19.83
CA GLU B 60 -4.31 17.36 20.23
C GLU B 60 -4.19 16.07 19.43
N VAL B 61 -5.31 15.42 19.11
CA VAL B 61 -5.27 14.12 18.45
C VAL B 61 -4.59 14.23 17.08
N SER B 62 -4.68 15.40 16.44
CA SER B 62 -4.02 15.59 15.15
C SER B 62 -2.52 15.39 15.26
N VAL B 63 -1.96 15.58 16.44
CA VAL B 63 -0.51 15.46 16.64
C VAL B 63 -0.08 14.03 16.35
N PRO B 64 -0.48 13.04 17.15
CA PRO B 64 -0.06 11.66 16.86
C PRO B 64 -0.51 11.16 15.51
N TYR B 65 -1.66 11.66 15.02
CA TYR B 65 -2.14 11.29 13.70
C TYR B 65 -1.21 11.85 12.62
N ALA B 66 -0.85 13.13 12.73
CA ALA B 66 -0.01 13.77 11.72
C ALA B 66 1.38 13.12 11.66
N MET B 67 1.94 12.78 12.82
CA MET B 67 3.27 12.16 12.84
C MET B 67 3.28 10.86 12.04
N ASN B 68 2.42 9.91 12.42
CA ASN B 68 2.34 8.65 11.69
C ASN B 68 2.12 8.88 10.21
N LEU B 69 1.22 9.81 9.87
CA LEU B 69 0.78 9.97 8.50
C LEU B 69 1.87 10.55 7.61
N LEU B 70 2.60 11.54 8.12
CA LEU B 70 3.44 12.36 7.26
C LEU B 70 4.93 12.33 7.59
N ASN B 71 5.32 11.76 8.73
CA ASN B 71 6.74 11.74 9.08
C ASN B 71 7.53 11.01 8.00
N GLY B 72 8.58 11.66 7.51
CA GLY B 72 9.41 11.08 6.48
C GLY B 72 8.97 11.37 5.06
N ILE B 73 7.81 11.99 4.86
CA ILE B 73 7.35 12.29 3.51
C ILE B 73 8.30 13.27 2.86
N LYS B 74 8.60 13.04 1.58
CA LYS B 74 9.56 13.86 0.86
C LYS B 74 8.87 15.09 0.26
N LEU B 75 9.43 16.26 0.55
CA LEU B 75 9.03 17.49 -0.10
C LEU B 75 10.18 17.96 -0.98
N TYR B 76 9.95 18.03 -2.28
CA TYR B 76 10.99 18.38 -3.25
C TYR B 76 12.22 17.49 -3.06
N GLY B 77 11.99 16.21 -2.81
CA GLY B 77 13.05 15.24 -2.67
C GLY B 77 13.56 15.06 -1.26
N ARG B 78 13.30 16.00 -0.36
CA ARG B 78 13.86 15.91 0.99
C ARG B 78 12.81 15.42 1.97
N PRO B 79 13.09 14.38 2.75
CA PRO B 79 12.07 13.89 3.70
C PRO B 79 12.00 14.77 4.94
N ILE B 80 10.79 15.18 5.29
CA ILE B 80 10.60 15.97 6.50
C ILE B 80 10.87 15.09 7.72
N LYS B 81 11.23 15.75 8.83
CA LYS B 81 11.46 15.09 10.11
C LYS B 81 10.57 15.74 11.15
N ILE B 82 9.55 15.00 11.61
CA ILE B 82 8.58 15.52 12.55
C ILE B 82 9.02 15.15 13.97
N GLN B 83 8.97 16.13 14.88
CA GLN B 83 9.21 15.92 16.29
C GLN B 83 8.13 16.63 17.08
N PHE B 84 7.92 16.17 18.32
CA PHE B 84 6.89 16.73 19.18
C PHE B 84 7.49 17.05 20.54
N ARG B 85 7.46 18.33 20.92
CA ARG B 85 8.00 18.78 22.19
C ARG B 85 9.45 18.34 22.35
N ALA C 3 -16.34 -16.39 31.43
CA ALA C 3 -16.45 -15.18 32.24
C ALA C 3 -15.94 -15.46 33.67
N ALA C 4 -14.90 -14.76 34.15
CA ALA C 4 -14.17 -13.71 33.45
C ALA C 4 -13.05 -14.29 32.57
N ALA C 5 -13.39 -15.32 31.80
CA ALA C 5 -12.50 -15.84 30.77
C ALA C 5 -12.97 -15.48 29.38
N ALA C 6 -14.28 -15.34 29.17
CA ALA C 6 -14.79 -14.73 27.95
C ALA C 6 -14.45 -13.25 27.87
N GLU C 7 -14.06 -12.64 28.99
CA GLU C 7 -13.46 -11.31 28.90
C GLU C 7 -11.97 -11.39 28.63
N ALA C 8 -11.32 -12.48 29.03
CA ALA C 8 -9.88 -12.62 28.78
C ALA C 8 -9.58 -12.92 27.30
N ASP C 9 -10.47 -13.62 26.60
CA ASP C 9 -10.21 -13.89 25.19
C ASP C 9 -10.59 -12.71 24.29
N ARG C 10 -11.16 -11.63 24.85
CA ARG C 10 -11.46 -10.43 24.09
C ARG C 10 -10.66 -9.23 24.57
N THR C 11 -9.56 -9.46 25.27
CA THR C 11 -8.74 -8.38 25.81
C THR C 11 -7.31 -8.52 25.29
N LEU C 12 -6.75 -7.42 24.82
CA LEU C 12 -5.39 -7.38 24.29
C LEU C 12 -4.48 -6.58 25.21
N PHE C 13 -3.23 -7.01 25.28
CA PHE C 13 -2.18 -6.29 25.99
C PHE C 13 -1.44 -5.40 25.01
N VAL C 14 -1.40 -4.10 25.29
CA VAL C 14 -0.75 -3.13 24.41
C VAL C 14 0.39 -2.48 25.21
N GLY C 15 1.62 -2.83 24.86
CA GLY C 15 2.79 -2.36 25.56
C GLY C 15 3.60 -1.36 24.77
N ASN C 16 4.77 -1.03 25.32
CA ASN C 16 5.66 -0.03 24.73
C ASN C 16 4.90 1.23 24.37
N LEU C 17 4.18 1.77 25.33
CA LEU C 17 3.40 2.99 25.15
C LEU C 17 4.26 4.21 25.42
N GLU C 18 3.97 5.28 24.70
CA GLU C 18 4.56 6.58 25.04
C GLU C 18 3.83 7.15 26.26
N THR C 19 4.58 7.87 27.09
CA THR C 19 3.99 8.47 28.28
C THR C 19 2.79 9.34 27.92
N LYS C 20 2.76 9.88 26.71
CA LYS C 20 1.68 10.76 26.29
C LYS C 20 0.41 10.00 25.89
N VAL C 21 0.51 8.71 25.59
CA VAL C 21 -0.67 7.96 25.16
C VAL C 21 -1.67 7.90 26.31
N THR C 22 -2.91 8.26 26.02
CA THR C 22 -3.99 8.22 27.00
C THR C 22 -4.98 7.13 26.60
N GLU C 23 -5.77 6.70 27.60
CA GLU C 23 -6.79 5.69 27.35
C GLU C 23 -7.74 6.10 26.24
N GLU C 24 -8.08 7.38 26.16
CA GLU C 24 -8.98 7.86 25.12
C GLU C 24 -8.38 7.62 23.74
N LEU C 25 -7.13 8.02 23.55
CA LEU C 25 -6.46 7.82 22.26
C LEU C 25 -6.51 6.36 21.85
N LEU C 26 -6.31 5.45 22.81
CA LEU C 26 -6.30 4.03 22.49
C LEU C 26 -7.71 3.54 22.15
N PHE C 27 -8.71 3.96 22.92
CA PHE C 27 -10.09 3.60 22.60
C PHE C 27 -10.41 3.93 21.16
N GLU C 28 -10.17 5.18 20.76
CA GLU C 28 -10.46 5.60 19.40
C GLU C 28 -9.64 4.80 18.39
N LEU C 29 -8.38 4.52 18.72
CA LEU C 29 -7.50 3.82 17.78
C LEU C 29 -7.96 2.38 17.58
N PHE C 30 -8.17 1.65 18.69
CA PHE C 30 -8.59 0.26 18.59
C PHE C 30 -10.06 0.13 18.22
N HIS C 31 -10.85 1.19 18.35
CA HIS C 31 -12.24 1.14 17.92
C HIS C 31 -12.33 0.79 16.44
N GLN C 32 -11.30 1.11 15.66
CA GLN C 32 -11.28 0.77 14.25
C GLN C 32 -11.31 -0.72 14.00
N ALA C 33 -11.15 -1.54 15.04
CA ALA C 33 -11.25 -2.99 14.92
C ALA C 33 -12.54 -3.54 15.51
N GLY C 34 -13.50 -2.66 15.82
CA GLY C 34 -14.76 -3.09 16.36
C GLY C 34 -15.09 -2.41 17.67
N PRO C 35 -16.33 -2.53 18.12
CA PRO C 35 -16.72 -1.90 19.39
C PRO C 35 -15.77 -2.26 20.52
N VAL C 36 -15.48 -1.28 21.37
CA VAL C 36 -14.55 -1.44 22.49
C VAL C 36 -15.34 -1.26 23.78
N ILE C 37 -15.26 -2.24 24.67
CA ILE C 37 -15.94 -2.15 25.96
C ILE C 37 -15.22 -1.15 26.85
N LYS C 38 -13.96 -1.39 27.15
CA LYS C 38 -13.21 -0.56 28.08
C LYS C 38 -11.73 -0.65 27.75
N VAL C 39 -11.01 0.44 28.04
CA VAL C 39 -9.56 0.48 27.95
C VAL C 39 -9.04 0.97 29.29
N LYS C 40 -7.94 0.38 29.74
CA LYS C 40 -7.38 0.70 31.05
C LYS C 40 -5.87 0.73 30.94
N ILE C 41 -5.27 1.88 31.29
CA ILE C 41 -3.85 1.98 31.57
C ILE C 41 -3.69 1.94 33.08
N PRO C 42 -3.16 0.87 33.67
CA PRO C 42 -3.05 0.81 35.12
C PRO C 42 -2.07 1.83 35.66
N LYS C 43 -2.44 2.45 36.76
CA LYS C 43 -1.52 3.16 37.62
C LYS C 43 -1.14 2.21 38.76
N ASP C 44 0.06 2.38 39.30
CA ASP C 44 0.50 1.60 40.45
C ASP C 44 0.76 2.54 41.62
N LYS C 45 0.88 1.92 42.80
CA LYS C 45 1.16 2.54 44.10
C LYS C 45 0.98 4.06 44.18
N ASP C 46 1.74 4.88 43.44
CA ASP C 46 1.82 6.31 43.82
C ASP C 46 0.59 7.19 43.46
N GLY C 47 0.29 7.49 42.19
CA GLY C 47 0.99 6.98 41.02
C GLY C 47 0.19 7.02 39.73
N LYS C 48 0.82 6.86 38.56
CA LYS C 48 2.28 6.79 38.37
C LYS C 48 2.65 7.32 36.98
N PRO C 49 2.10 6.74 35.89
CA PRO C 49 1.34 5.51 35.68
C PRO C 49 2.04 4.59 34.67
N LYS C 50 1.46 3.43 34.36
CA LYS C 50 2.20 2.38 33.65
C LYS C 50 2.38 2.69 32.17
N GLN C 51 3.20 1.86 31.52
CA GLN C 51 3.53 2.00 30.11
C GLN C 51 2.94 0.89 29.25
N PHE C 52 1.76 0.41 29.62
CA PHE C 52 1.03 -0.54 28.79
C PHE C 52 -0.45 -0.31 29.02
N ALA C 53 -1.28 -1.05 28.28
CA ALA C 53 -2.72 -0.87 28.38
C ALA C 53 -3.42 -2.20 28.13
N PHE C 54 -4.61 -2.32 28.69
CA PHE C 54 -5.50 -3.45 28.44
C PHE C 54 -6.70 -2.94 27.66
N VAL C 55 -6.94 -3.51 26.49
CA VAL C 55 -8.05 -3.13 25.62
C VAL C 55 -9.00 -4.32 25.56
N ASN C 56 -10.23 -4.10 26.01
CA ASN C 56 -11.25 -5.15 26.06
C ASN C 56 -12.25 -4.91 24.93
N PHE C 57 -12.27 -5.82 23.96
CA PHE C 57 -13.21 -5.78 22.86
C PHE C 57 -14.52 -6.46 23.23
N LYS C 58 -15.58 -6.11 22.50
CA LYS C 58 -16.85 -6.79 22.66
C LYS C 58 -16.88 -8.11 21.89
N HIS C 59 -16.32 -8.13 20.69
CA HIS C 59 -16.33 -9.31 19.83
C HIS C 59 -14.92 -9.88 19.73
N GLU C 60 -14.81 -11.20 19.92
CA GLU C 60 -13.50 -11.84 19.90
C GLU C 60 -12.81 -11.67 18.55
N VAL C 61 -13.58 -11.55 17.46
CA VAL C 61 -12.96 -11.44 16.14
C VAL C 61 -12.11 -10.18 16.05
N SER C 62 -12.49 -9.13 16.77
CA SER C 62 -11.71 -7.90 16.77
C SER C 62 -10.28 -8.14 17.23
N VAL C 63 -10.07 -9.15 18.07
CA VAL C 63 -8.76 -9.42 18.67
C VAL C 63 -7.74 -9.70 17.55
N PRO C 64 -7.89 -10.78 16.78
CA PRO C 64 -6.93 -11.01 15.69
C PRO C 64 -6.93 -9.90 14.65
N TYR C 65 -8.06 -9.22 14.46
CA TYR C 65 -8.13 -8.12 13.52
C TYR C 65 -7.28 -6.94 14.01
N ALA C 66 -7.56 -6.44 15.21
CA ALA C 66 -6.77 -5.35 15.76
C ALA C 66 -5.30 -5.72 15.82
N MET C 67 -5.00 -6.91 16.34
CA MET C 67 -3.62 -7.37 16.43
C MET C 67 -2.91 -7.26 15.09
N ASN C 68 -3.58 -7.66 14.02
CA ASN C 68 -2.97 -7.59 12.69
C ASN C 68 -3.12 -6.20 12.06
N LEU C 69 -3.99 -5.35 12.61
CA LEU C 69 -4.24 -4.04 12.03
C LEU C 69 -3.38 -2.96 12.67
N LEU C 70 -3.19 -3.01 13.98
CA LEU C 70 -2.57 -1.92 14.72
C LEU C 70 -1.22 -2.26 15.33
N ASN C 71 -0.84 -3.53 15.36
CA ASN C 71 0.43 -3.90 15.99
C ASN C 71 1.59 -3.19 15.32
N GLY C 72 2.45 -2.59 16.13
CA GLY C 72 3.67 -2.00 15.65
C GLY C 72 3.58 -0.59 15.14
N ILE C 73 2.39 0.01 15.12
CA ILE C 73 2.26 1.38 14.64
C ILE C 73 2.70 2.34 15.74
N LYS C 74 3.25 3.48 15.33
CA LYS C 74 3.95 4.39 16.23
C LYS C 74 3.00 5.43 16.80
N LEU C 75 2.95 5.52 18.12
CA LEU C 75 2.23 6.57 18.81
C LEU C 75 3.24 7.52 19.42
N TYR C 76 3.25 8.77 18.94
CA TYR C 76 4.26 9.75 19.33
C TYR C 76 5.67 9.21 19.07
N GLY C 77 5.83 8.52 17.94
CA GLY C 77 7.12 7.99 17.54
C GLY C 77 7.48 6.64 18.11
N ARG C 78 6.69 6.11 19.05
CA ARG C 78 7.01 4.84 19.68
C ARG C 78 6.02 3.77 19.22
N PRO C 79 6.48 2.65 18.65
CA PRO C 79 5.53 1.63 18.18
C PRO C 79 4.95 0.85 19.35
N ILE C 80 3.67 0.54 19.24
CA ILE C 80 2.98 -0.21 20.28
C ILE C 80 3.20 -1.70 20.03
N LYS C 81 3.22 -2.45 21.13
CA LYS C 81 3.46 -3.88 21.09
C LYS C 81 2.22 -4.58 21.62
N ILE C 82 1.48 -5.21 20.73
CA ILE C 82 0.28 -5.94 21.08
C ILE C 82 0.68 -7.38 21.32
N GLN C 83 0.12 -7.98 22.36
CA GLN C 83 0.35 -9.39 22.61
C GLN C 83 -0.92 -9.99 23.16
N PHE C 84 -1.33 -11.11 22.57
CA PHE C 84 -2.47 -11.87 23.02
C PHE C 84 -2.02 -12.87 24.09
N ARG C 85 -2.92 -13.17 25.02
CA ARG C 85 -2.59 -13.82 26.30
C ARG C 85 -1.15 -14.34 26.41
N ALA D 5 -16.10 -36.71 -9.92
CA ALA D 5 -16.32 -35.28 -9.70
C ALA D 5 -15.84 -34.88 -8.31
N ALA D 6 -14.56 -35.11 -8.04
CA ALA D 6 -13.92 -34.71 -6.77
C ALA D 6 -12.96 -33.57 -7.10
N GLU D 7 -13.43 -32.32 -6.91
CA GLU D 7 -12.69 -31.15 -7.37
C GLU D 7 -11.75 -30.67 -6.27
N ALA D 8 -10.47 -31.02 -6.40
CA ALA D 8 -9.42 -30.47 -5.55
C ALA D 8 -8.82 -29.19 -6.11
N ASP D 9 -9.16 -28.83 -7.34
CA ASP D 9 -8.65 -27.60 -7.96
C ASP D 9 -9.29 -26.35 -7.39
N ARG D 10 -10.36 -26.48 -6.61
CA ARG D 10 -11.01 -25.34 -5.97
C ARG D 10 -10.73 -25.29 -4.48
N THR D 11 -9.76 -26.06 -4.00
CA THR D 11 -9.45 -26.15 -2.58
C THR D 11 -8.04 -25.68 -2.32
N LEU D 12 -7.87 -24.87 -1.27
CA LEU D 12 -6.55 -24.42 -0.84
C LEU D 12 -6.18 -25.09 0.48
N PHE D 13 -4.90 -25.37 0.63
CA PHE D 13 -4.33 -25.81 1.90
C PHE D 13 -3.83 -24.59 2.65
N VAL D 14 -4.24 -24.46 3.91
CA VAL D 14 -3.82 -23.35 4.76
C VAL D 14 -3.16 -23.96 5.99
N GLY D 15 -1.83 -24.03 5.97
CA GLY D 15 -1.07 -24.58 7.08
C GLY D 15 -0.46 -23.50 7.97
N ASN D 16 0.27 -23.96 8.98
CA ASN D 16 0.90 -23.09 9.96
C ASN D 16 -0.15 -22.25 10.68
N LEU D 17 -1.16 -22.92 11.21
CA LEU D 17 -2.24 -22.26 11.92
C LEU D 17 -1.93 -22.14 13.40
N GLU D 18 -2.30 -21.01 13.98
CA GLU D 18 -2.28 -20.87 15.42
C GLU D 18 -3.48 -21.62 16.01
N THR D 19 -3.27 -22.16 17.20
CA THR D 19 -4.26 -23.04 17.81
C THR D 19 -5.60 -22.36 18.02
N LYS D 20 -5.63 -21.02 18.02
CA LYS D 20 -6.85 -20.27 18.25
C LYS D 20 -7.58 -19.91 16.97
N VAL D 21 -7.02 -20.21 15.80
CA VAL D 21 -7.73 -20.01 14.54
C VAL D 21 -8.82 -21.06 14.42
N THR D 22 -10.04 -20.61 14.13
CA THR D 22 -11.19 -21.49 13.98
C THR D 22 -11.60 -21.56 12.52
N GLU D 23 -12.43 -22.57 12.22
CA GLU D 23 -13.00 -22.68 10.87
C GLU D 23 -13.83 -21.46 10.53
N GLU D 24 -14.45 -20.84 11.53
CA GLU D 24 -15.30 -19.67 11.29
C GLU D 24 -14.45 -18.46 10.91
N LEU D 25 -13.28 -18.31 11.51
CA LEU D 25 -12.40 -17.20 11.18
C LEU D 25 -11.85 -17.35 9.76
N LEU D 26 -11.43 -18.56 9.39
CA LEU D 26 -10.90 -18.78 8.04
C LEU D 26 -11.98 -18.58 6.99
N PHE D 27 -13.22 -18.99 7.29
CA PHE D 27 -14.32 -18.77 6.38
C PHE D 27 -14.48 -17.28 6.06
N GLU D 28 -14.60 -16.46 7.11
CA GLU D 28 -14.83 -15.02 6.91
C GLU D 28 -13.63 -14.37 6.24
N LEU D 29 -12.42 -14.79 6.59
CA LEU D 29 -11.23 -14.24 5.96
C LEU D 29 -11.18 -14.60 4.48
N PHE D 30 -11.26 -15.90 4.18
CA PHE D 30 -11.16 -16.34 2.79
C PHE D 30 -12.39 -15.99 1.97
N HIS D 31 -13.52 -15.72 2.62
CA HIS D 31 -14.69 -15.26 1.87
C HIS D 31 -14.40 -14.00 1.08
N GLN D 32 -13.40 -13.22 1.49
CA GLN D 32 -13.03 -12.01 0.76
C GLN D 32 -12.54 -12.30 -0.64
N ALA D 33 -12.23 -13.56 -0.95
CA ALA D 33 -11.81 -13.95 -2.30
C ALA D 33 -12.95 -14.54 -3.11
N GLY D 34 -14.16 -14.62 -2.55
CA GLY D 34 -15.30 -15.16 -3.25
C GLY D 34 -16.05 -16.17 -2.42
N PRO D 35 -17.23 -16.56 -2.89
CA PRO D 35 -18.06 -17.51 -2.12
C PRO D 35 -17.27 -18.76 -1.73
N VAL D 36 -17.47 -19.19 -0.49
CA VAL D 36 -16.74 -20.31 0.09
C VAL D 36 -17.73 -21.44 0.37
N ILE D 37 -17.48 -22.61 -0.22
CA ILE D 37 -18.35 -23.76 0.00
C ILE D 37 -18.23 -24.23 1.46
N LYS D 38 -17.03 -24.58 1.88
CA LYS D 38 -16.83 -25.12 3.22
C LYS D 38 -15.38 -24.90 3.64
N VAL D 39 -15.16 -24.89 4.95
CA VAL D 39 -13.83 -24.82 5.54
C VAL D 39 -13.72 -25.96 6.55
N LYS D 40 -12.60 -26.68 6.50
CA LYS D 40 -12.39 -27.85 7.34
C LYS D 40 -11.03 -27.74 8.03
N ILE D 41 -11.04 -27.77 9.36
CA ILE D 41 -9.83 -27.99 10.15
C ILE D 41 -9.86 -29.44 10.59
N PRO D 42 -9.10 -30.34 9.96
CA PRO D 42 -9.21 -31.76 10.29
C PRO D 42 -8.83 -32.06 11.73
N LYS D 43 -9.29 -33.20 12.21
CA LYS D 43 -8.97 -33.70 13.54
C LYS D 43 -8.07 -34.92 13.42
N ASP D 44 -7.21 -35.12 14.42
CA ASP D 44 -6.38 -36.32 14.45
C ASP D 44 -7.21 -37.50 14.96
N LYS D 45 -6.55 -38.66 15.07
CA LYS D 45 -7.26 -39.88 15.43
C LYS D 45 -7.88 -39.81 16.82
N ASP D 46 -7.43 -38.89 17.67
CA ASP D 46 -7.99 -38.70 18.99
C ASP D 46 -8.95 -37.53 19.04
N GLY D 47 -9.39 -37.04 17.87
CA GLY D 47 -10.34 -35.95 17.82
C GLY D 47 -9.77 -34.60 18.19
N LYS D 48 -8.47 -34.41 18.07
CA LYS D 48 -7.86 -33.12 18.41
C LYS D 48 -7.64 -32.32 17.13
N PRO D 49 -8.05 -31.06 17.08
CA PRO D 49 -7.83 -30.26 15.86
C PRO D 49 -6.37 -30.24 15.44
N LYS D 50 -6.14 -30.29 14.13
CA LYS D 50 -4.81 -30.14 13.58
C LYS D 50 -4.52 -28.67 13.32
N GLN D 51 -3.28 -28.39 12.92
CA GLN D 51 -2.86 -27.01 12.69
C GLN D 51 -2.76 -26.71 11.21
N PHE D 52 -3.80 -27.07 10.46
CA PHE D 52 -3.95 -26.68 9.06
C PHE D 52 -5.40 -26.87 8.67
N ALA D 53 -5.78 -26.26 7.56
CA ALA D 53 -7.18 -26.25 7.14
C ALA D 53 -7.24 -26.44 5.63
N PHE D 54 -8.43 -26.84 5.16
CA PHE D 54 -8.74 -26.92 3.75
C PHE D 54 -9.91 -25.98 3.47
N VAL D 55 -9.74 -25.09 2.50
CA VAL D 55 -10.75 -24.11 2.13
C VAL D 55 -11.23 -24.43 0.72
N ASN D 56 -12.51 -24.72 0.59
CA ASN D 56 -13.10 -25.09 -0.70
C ASN D 56 -13.91 -23.91 -1.24
N PHE D 57 -13.46 -23.37 -2.37
CA PHE D 57 -14.14 -22.26 -3.02
C PHE D 57 -15.17 -22.79 -4.02
N LYS D 58 -16.21 -21.99 -4.24
CA LYS D 58 -17.20 -22.33 -5.26
C LYS D 58 -16.61 -22.14 -6.66
N HIS D 59 -15.78 -21.13 -6.85
CA HIS D 59 -15.19 -20.83 -8.14
C HIS D 59 -13.68 -21.00 -8.07
N GLU D 60 -13.12 -21.58 -9.14
CA GLU D 60 -11.68 -21.87 -9.15
C GLU D 60 -10.86 -20.58 -9.10
N VAL D 61 -11.36 -19.51 -9.73
CA VAL D 61 -10.61 -18.25 -9.76
C VAL D 61 -10.32 -17.74 -8.36
N SER D 62 -11.12 -18.12 -7.37
CA SER D 62 -10.84 -17.70 -6.00
C SER D 62 -9.52 -18.26 -5.50
N VAL D 63 -9.04 -19.34 -6.09
CA VAL D 63 -7.81 -19.99 -5.65
C VAL D 63 -6.63 -19.04 -5.89
N PRO D 64 -6.25 -18.74 -7.13
CA PRO D 64 -5.10 -17.84 -7.33
C PRO D 64 -5.31 -16.48 -6.71
N TYR D 65 -6.56 -16.03 -6.62
CA TYR D 65 -6.85 -14.74 -5.99
C TYR D 65 -6.63 -14.82 -4.48
N ALA D 66 -7.24 -15.81 -3.83
CA ALA D 66 -7.14 -15.93 -2.38
C ALA D 66 -5.68 -16.05 -1.93
N MET D 67 -4.92 -16.93 -2.59
CA MET D 67 -3.56 -17.19 -2.12
C MET D 67 -2.62 -16.04 -2.43
N ASN D 68 -2.94 -15.22 -3.43
CA ASN D 68 -2.17 -13.99 -3.64
C ASN D 68 -2.57 -12.92 -2.65
N LEU D 69 -3.82 -12.93 -2.20
CA LEU D 69 -4.35 -11.90 -1.31
C LEU D 69 -4.08 -12.19 0.16
N LEU D 70 -4.01 -13.46 0.57
CA LEU D 70 -4.00 -13.82 1.97
C LEU D 70 -2.77 -14.60 2.40
N ASN D 71 -1.96 -15.12 1.48
CA ASN D 71 -0.82 -15.93 1.89
C ASN D 71 0.13 -15.11 2.74
N GLY D 72 0.56 -15.69 3.86
CA GLY D 72 1.49 -15.04 4.75
C GLY D 72 0.86 -14.09 5.75
N ILE D 73 -0.47 -13.92 5.71
CA ILE D 73 -1.12 -13.03 6.67
C ILE D 73 -1.07 -13.66 8.05
N LYS D 74 -0.90 -12.82 9.07
CA LYS D 74 -0.71 -13.28 10.43
C LYS D 74 -2.05 -13.36 11.15
N LEU D 75 -2.39 -14.54 11.66
CA LEU D 75 -3.55 -14.75 12.51
C LEU D 75 -3.05 -15.07 13.91
N TYR D 76 -3.35 -14.19 14.86
CA TYR D 76 -2.81 -14.31 16.21
C TYR D 76 -1.28 -14.39 16.17
N GLY D 77 -0.68 -13.54 15.34
CA GLY D 77 0.76 -13.43 15.27
C GLY D 77 1.46 -14.47 14.42
N ARG D 78 0.74 -15.43 13.86
CA ARG D 78 1.36 -16.52 13.11
C ARG D 78 0.97 -16.43 11.64
N PRO D 79 1.92 -16.36 10.71
CA PRO D 79 1.55 -16.21 9.30
C PRO D 79 1.12 -17.54 8.70
N ILE D 80 -0.03 -17.53 8.02
CA ILE D 80 -0.52 -18.73 7.36
C ILE D 80 0.32 -19.00 6.12
N LYS D 81 0.40 -20.27 5.74
CA LYS D 81 1.14 -20.70 4.56
C LYS D 81 0.16 -21.39 3.63
N ILE D 82 -0.22 -20.70 2.55
CA ILE D 82 -1.18 -21.23 1.60
C ILE D 82 -0.45 -22.06 0.56
N GLN D 83 -1.08 -23.18 0.17
CA GLN D 83 -0.57 -24.04 -0.88
C GLN D 83 -1.74 -24.52 -1.72
N PHE D 84 -1.55 -24.53 -3.04
CA PHE D 84 -2.59 -24.94 -3.97
C PHE D 84 -2.31 -26.36 -4.44
N ARG D 85 -3.35 -27.19 -4.44
CA ARG D 85 -3.21 -28.58 -4.86
C ARG D 85 -3.56 -28.75 -6.34
N ALA E 6 2.72 -6.70 -36.87
CA ALA E 6 2.37 -5.77 -37.94
C ALA E 6 1.57 -4.61 -37.38
N GLU E 7 2.26 -3.71 -36.69
CA GLU E 7 1.63 -2.60 -35.96
C GLU E 7 0.74 -3.10 -34.83
N ALA E 8 0.74 -4.42 -34.59
CA ALA E 8 0.12 -5.00 -33.42
C ALA E 8 1.08 -5.06 -32.25
N ASP E 9 1.90 -4.01 -32.07
CA ASP E 9 2.74 -3.86 -30.90
C ASP E 9 1.96 -3.42 -29.67
N ARG E 10 0.66 -3.66 -29.67
CA ARG E 10 -0.16 -3.62 -28.48
C ARG E 10 -0.12 -4.98 -27.81
N THR E 11 1.00 -5.69 -27.92
CA THR E 11 1.12 -7.07 -27.46
C THR E 11 2.27 -7.20 -26.47
N LEU E 12 2.00 -7.86 -25.36
CA LEU E 12 2.99 -8.15 -24.34
C LEU E 12 3.27 -9.64 -24.26
N PHE E 13 4.50 -9.98 -23.91
CA PHE E 13 4.88 -11.35 -23.61
C PHE E 13 4.82 -11.56 -22.11
N VAL E 14 4.26 -12.70 -21.69
CA VAL E 14 4.06 -13.02 -20.28
C VAL E 14 4.64 -14.41 -20.05
N GLY E 15 5.88 -14.48 -19.56
CA GLY E 15 6.54 -15.73 -19.31
C GLY E 15 6.42 -16.18 -17.86
N ASN E 16 7.06 -17.32 -17.58
CA ASN E 16 7.13 -17.87 -16.22
C ASN E 16 5.74 -18.15 -15.67
N LEU E 17 4.89 -18.74 -16.49
CA LEU E 17 3.52 -19.04 -16.09
C LEU E 17 3.44 -20.40 -15.39
N GLU E 18 2.77 -20.43 -14.25
CA GLU E 18 2.46 -21.71 -13.63
C GLU E 18 1.63 -22.55 -14.60
N THR E 19 1.72 -23.87 -14.46
CA THR E 19 1.03 -24.78 -15.38
C THR E 19 -0.48 -24.55 -15.35
N LYS E 20 -1.03 -24.04 -14.25
CA LYS E 20 -2.47 -23.91 -14.10
C LYS E 20 -3.01 -22.57 -14.58
N VAL E 21 -2.17 -21.70 -15.12
CA VAL E 21 -2.62 -20.43 -15.67
C VAL E 21 -3.24 -20.67 -17.04
N THR E 22 -4.46 -20.19 -17.22
CA THR E 22 -5.18 -20.36 -18.48
C THR E 22 -5.33 -19.01 -19.18
N GLU E 23 -5.67 -19.07 -20.47
CA GLU E 23 -5.92 -17.84 -21.21
C GLU E 23 -7.05 -17.04 -20.59
N GLU E 24 -8.08 -17.72 -20.07
CA GLU E 24 -9.19 -17.04 -19.44
C GLU E 24 -8.73 -16.18 -18.27
N LEU E 25 -7.83 -16.72 -17.44
CA LEU E 25 -7.33 -16.00 -16.27
C LEU E 25 -6.53 -14.78 -16.70
N LEU E 26 -5.61 -14.95 -17.64
CA LEU E 26 -4.78 -13.85 -18.09
C LEU E 26 -5.61 -12.74 -18.71
N PHE E 27 -6.57 -13.11 -19.56
CA PHE E 27 -7.50 -12.13 -20.11
C PHE E 27 -8.13 -11.29 -19.00
N GLU E 28 -8.75 -11.96 -18.03
CA GLU E 28 -9.40 -11.24 -16.94
C GLU E 28 -8.41 -10.41 -16.15
N LEU E 29 -7.20 -10.94 -15.94
CA LEU E 29 -6.20 -10.21 -15.16
C LEU E 29 -5.72 -8.98 -15.90
N PHE E 30 -5.43 -9.12 -17.20
CA PHE E 30 -4.91 -7.99 -17.98
C PHE E 30 -6.02 -7.06 -18.44
N HIS E 31 -7.27 -7.50 -18.44
CA HIS E 31 -8.38 -6.60 -18.75
C HIS E 31 -8.43 -5.41 -17.80
N GLN E 32 -7.82 -5.51 -16.62
CA GLN E 32 -7.73 -4.38 -15.70
C GLN E 32 -6.87 -3.25 -16.26
N ALA E 33 -6.07 -3.51 -17.28
CA ALA E 33 -5.25 -2.47 -17.90
C ALA E 33 -5.87 -1.94 -19.19
N GLY E 34 -7.10 -2.31 -19.48
CA GLY E 34 -7.79 -1.84 -20.67
C GLY E 34 -8.26 -2.99 -21.54
N PRO E 35 -9.13 -2.68 -22.49
CA PRO E 35 -9.70 -3.73 -23.35
C PRO E 35 -8.62 -4.64 -23.93
N VAL E 36 -8.93 -5.93 -23.99
CA VAL E 36 -8.02 -6.96 -24.49
C VAL E 36 -8.62 -7.57 -25.74
N ILE E 37 -7.88 -7.51 -26.85
CA ILE E 37 -8.33 -8.16 -28.07
C ILE E 37 -8.31 -9.68 -27.90
N LYS E 38 -7.20 -10.22 -27.41
CA LYS E 38 -7.04 -11.66 -27.33
C LYS E 38 -5.84 -12.00 -26.44
N VAL E 39 -5.90 -13.18 -25.83
CA VAL E 39 -4.78 -13.75 -25.10
C VAL E 39 -4.50 -15.12 -25.69
N LYS E 40 -3.23 -15.49 -25.76
CA LYS E 40 -2.87 -16.77 -26.34
C LYS E 40 -1.77 -17.45 -25.54
N ILE E 41 -2.01 -18.71 -25.19
CA ILE E 41 -0.98 -19.59 -24.65
C ILE E 41 -0.73 -20.66 -25.71
N PRO E 42 0.36 -20.60 -26.46
CA PRO E 42 0.57 -21.60 -27.52
C PRO E 42 0.72 -23.00 -26.95
N LYS E 43 0.10 -23.96 -27.63
CA LYS E 43 0.26 -25.36 -27.28
C LYS E 43 1.51 -25.91 -27.98
N ASP E 44 2.09 -26.94 -27.38
CA ASP E 44 3.32 -27.49 -27.91
C ASP E 44 3.03 -28.64 -28.88
N LYS E 45 4.09 -29.16 -29.48
CA LYS E 45 4.05 -30.25 -30.45
C LYS E 45 3.07 -31.36 -30.07
N ASP E 46 2.88 -31.59 -28.77
CA ASP E 46 2.03 -32.67 -28.28
C ASP E 46 0.70 -32.16 -27.72
N GLY E 47 0.27 -30.96 -28.12
CA GLY E 47 -1.00 -30.43 -27.65
C GLY E 47 -0.99 -29.92 -26.23
N LYS E 48 0.18 -29.83 -25.57
CA LYS E 48 0.26 -29.36 -24.19
C LYS E 48 0.58 -27.87 -24.16
N PRO E 49 -0.06 -27.08 -23.28
CA PRO E 49 0.24 -25.65 -23.25
C PRO E 49 1.67 -25.38 -22.83
N LYS E 50 2.21 -24.28 -23.34
CA LYS E 50 3.54 -23.83 -22.97
C LYS E 50 3.48 -22.88 -21.78
N GLN E 51 4.64 -22.46 -21.32
CA GLN E 51 4.79 -21.74 -20.07
C GLN E 51 4.78 -20.22 -20.25
N PHE E 52 4.27 -19.72 -21.37
CA PHE E 52 4.21 -18.30 -21.62
C PHE E 52 2.96 -17.98 -22.44
N ALA E 53 2.64 -16.69 -22.53
CA ALA E 53 1.44 -16.23 -23.21
C ALA E 53 1.73 -14.94 -23.95
N PHE E 54 0.85 -14.61 -24.89
CA PHE E 54 0.86 -13.34 -25.59
C PHE E 54 -0.48 -12.64 -25.37
N VAL E 55 -0.43 -11.40 -24.90
CA VAL E 55 -1.62 -10.62 -24.58
C VAL E 55 -1.65 -9.44 -25.54
N ASN E 56 -2.73 -9.33 -26.31
CA ASN E 56 -2.88 -8.31 -27.33
C ASN E 56 -3.94 -7.32 -26.88
N PHE E 57 -3.51 -6.08 -26.64
CA PHE E 57 -4.41 -5.01 -26.22
C PHE E 57 -4.98 -4.27 -27.42
N LYS E 58 -6.15 -3.66 -27.21
CA LYS E 58 -6.74 -2.81 -28.24
C LYS E 58 -6.02 -1.46 -28.33
N HIS E 59 -5.60 -0.92 -27.18
CA HIS E 59 -4.93 0.37 -27.13
C HIS E 59 -3.49 0.20 -26.69
N GLU E 60 -2.60 0.97 -27.29
CA GLU E 60 -1.18 0.86 -26.96
C GLU E 60 -0.91 1.32 -25.54
N VAL E 61 -1.69 2.29 -25.04
CA VAL E 61 -1.46 2.82 -23.70
C VAL E 61 -1.61 1.75 -22.63
N SER E 62 -2.33 0.66 -22.93
CA SER E 62 -2.48 -0.41 -21.96
C SER E 62 -1.15 -1.13 -21.72
N VAL E 63 -0.27 -1.15 -22.70
CA VAL E 63 1.00 -1.87 -22.61
C VAL E 63 1.82 -1.30 -21.47
N PRO E 64 2.24 -0.04 -21.51
CA PRO E 64 3.03 0.49 -20.39
C PRO E 64 2.27 0.45 -19.08
N TYR E 65 0.96 0.69 -19.10
CA TYR E 65 0.15 0.54 -17.90
C TYR E 65 0.21 -0.89 -17.38
N ALA E 66 -0.06 -1.87 -18.24
CA ALA E 66 -0.09 -3.27 -17.80
C ALA E 66 1.28 -3.72 -17.30
N MET E 67 2.36 -3.30 -17.97
CA MET E 67 3.69 -3.66 -17.53
C MET E 67 3.92 -3.23 -16.08
N ASN E 68 3.63 -1.96 -15.80
CA ASN E 68 3.88 -1.42 -14.47
C ASN E 68 2.90 -1.97 -13.45
N LEU E 69 1.67 -2.26 -13.86
CA LEU E 69 0.63 -2.70 -12.93
C LEU E 69 0.79 -4.15 -12.52
N LEU E 70 1.08 -5.04 -13.48
CA LEU E 70 0.97 -6.48 -13.25
C LEU E 70 2.28 -7.22 -13.22
N ASN E 71 3.37 -6.66 -13.75
CA ASN E 71 4.62 -7.40 -13.82
C ASN E 71 5.04 -7.87 -12.44
N GLY E 72 5.54 -9.10 -12.36
CA GLY E 72 6.00 -9.66 -11.12
C GLY E 72 4.92 -10.11 -10.16
N ILE E 73 3.66 -10.13 -10.59
CA ILE E 73 2.57 -10.58 -9.73
C ILE E 73 2.54 -12.10 -9.74
N LYS E 74 2.28 -12.70 -8.58
CA LYS E 74 2.35 -14.15 -8.41
C LYS E 74 1.02 -14.79 -8.76
N LEU E 75 1.03 -15.68 -9.74
CA LEU E 75 -0.10 -16.53 -10.07
C LEU E 75 0.23 -17.95 -9.62
N TYR E 76 -0.59 -18.49 -8.71
CA TYR E 76 -0.31 -19.80 -8.13
C TYR E 76 1.12 -19.87 -7.60
N GLY E 77 1.53 -18.80 -6.93
CA GLY E 77 2.83 -18.76 -6.29
C GLY E 77 4.00 -18.44 -7.21
N ARG E 78 3.76 -18.21 -8.50
CA ARG E 78 4.84 -17.98 -9.45
C ARG E 78 4.73 -16.58 -10.04
N PRO E 79 5.74 -15.74 -9.91
CA PRO E 79 5.64 -14.37 -10.44
C PRO E 79 5.75 -14.37 -11.96
N ILE E 80 4.78 -13.73 -12.62
CA ILE E 80 4.82 -13.60 -14.06
C ILE E 80 5.94 -12.62 -14.45
N LYS E 81 6.47 -12.81 -15.65
CA LYS E 81 7.59 -12.03 -16.17
C LYS E 81 7.13 -11.39 -17.47
N ILE E 82 6.75 -10.12 -17.41
CA ILE E 82 6.24 -9.42 -18.58
C ILE E 82 7.42 -8.84 -19.35
N GLN E 83 7.31 -8.90 -20.68
CA GLN E 83 8.30 -8.33 -21.58
C GLN E 83 7.57 -7.67 -22.74
N PHE E 84 8.13 -6.56 -23.19
CA PHE E 84 7.70 -5.92 -24.43
C PHE E 84 8.64 -6.42 -25.52
N ARG E 85 8.13 -7.28 -26.40
CA ARG E 85 8.94 -8.05 -27.34
C ARG E 85 9.72 -9.11 -26.60
#